data_8HCU
#
_entry.id   8HCU
#
_cell.length_a   67.291
_cell.length_b   67.291
_cell.length_c   252.035
_cell.angle_alpha   90.00
_cell.angle_beta   90.00
_cell.angle_gamma   90.00
#
_symmetry.space_group_name_H-M   'P 43 21 2'
#
loop_
_entity.id
_entity.type
_entity.pdbx_description
1 polymer 'cDNA FLJ55590, highly similar to JmjC domain-containing histone demethylation protein 1B'
2 polymer 'Polycomb group RING finger protein 1'
3 polymer 'BCL-6 corepressor'
4 non-polymer 'ACETIC ACID'
5 water water
#
loop_
_entity_poly.entity_id
_entity_poly.type
_entity_poly.pdbx_seq_one_letter_code
_entity_poly.pdbx_strand_id
1 'polypeptide(L)'
;GTRIDLNHCKSITPLMLSGIIRRQPVSLDLSWTNISKKQLSWLINRLPGLRDLVLSGCSWIAVSALCSSSCPLLRTLDVQ
WVEGLKDAQMRDLLSPPTDNRPGQMDNRSKLRNIVELRLAGLDITDASLRLIIRHMPLLSKLHLSYCNHVTDQSINLLTA
VGTTTRDSLTEINLSDCNKVTDQCLSFFKRCGNICHIDLRYCKQVTKEGCEQFIAEMSVSVQFGQVEEKLLQKLS
;
A
2 'polypeptide(L)'
;PFSSFDHSKAHYYRYDEQLNLCLERLSSGKDKNKSVLQNKYVRCSVRAEVRHLRRVLCHRLMLNPQHVQLLFDNEVLPDH
MTMKQIWLSRWFGKPSPLLLQYSVK
;
B
3 'polypeptide(L)'
;EPDDESGYDVLANPPGPEDQDDDDDAYSDVFEFEFSETPLLPCYNIQVSVAQGPRNWLLLSDVLKKLKMSSRIFRCNFPN
VEIVTIAEAEFYRQVSASLLFSCSKDLEAFNPESKELLDLVEFTNEIQTLLGSSVEWLHPSD
;
C
#
# COMPACT_ATOMS: atom_id res chain seq x y z
N GLY A 1 -17.88 8.74 -22.56
CA GLY A 1 -16.85 8.55 -21.51
C GLY A 1 -16.34 7.12 -21.43
N THR A 2 -15.38 6.88 -20.54
CA THR A 2 -14.80 5.56 -20.33
C THR A 2 -15.03 5.10 -18.89
N ARG A 3 -15.72 3.96 -18.79
CA ARG A 3 -16.11 3.44 -17.50
C ARG A 3 -15.53 2.03 -17.40
N ILE A 4 -14.85 1.74 -16.30
CA ILE A 4 -14.52 0.36 -16.00
C ILE A 4 -15.52 -0.11 -14.95
N ASP A 5 -16.30 -1.13 -15.31
CA ASP A 5 -17.36 -1.62 -14.43
C ASP A 5 -17.07 -3.08 -14.10
N LEU A 6 -16.52 -3.29 -12.91
CA LEU A 6 -16.19 -4.61 -12.40
C LEU A 6 -17.09 -4.94 -11.22
N ASN A 7 -18.33 -4.42 -11.22
CA ASN A 7 -19.25 -4.67 -10.12
C ASN A 7 -19.41 -6.19 -9.97
N HIS A 8 -19.42 -6.68 -8.73
CA HIS A 8 -19.62 -8.08 -8.39
C HIS A 8 -18.50 -8.98 -8.90
N CYS A 9 -17.37 -8.43 -9.37
CA CYS A 9 -16.26 -9.28 -9.77
C CYS A 9 -15.65 -9.90 -8.51
N LYS A 10 -15.67 -11.24 -8.46
CA LYS A 10 -15.28 -11.98 -7.27
C LYS A 10 -13.76 -12.08 -7.14
N SER A 11 -13.01 -11.69 -8.18
CA SER A 11 -11.56 -11.82 -8.16
C SER A 11 -10.90 -10.73 -9.00
N ILE A 12 -10.44 -9.66 -8.33
CA ILE A 12 -9.76 -8.56 -8.99
C ILE A 12 -8.27 -8.90 -9.07
N THR A 13 -7.84 -9.31 -10.27
CA THR A 13 -6.50 -9.83 -10.47
C THR A 13 -5.52 -8.69 -10.66
N PRO A 14 -4.21 -8.91 -10.39
CA PRO A 14 -3.17 -7.94 -10.75
C PRO A 14 -3.27 -7.50 -12.21
N LEU A 15 -3.60 -8.44 -13.10
CA LEU A 15 -3.73 -8.16 -14.52
C LEU A 15 -4.86 -7.15 -14.74
N MET A 16 -5.92 -7.25 -13.94
CA MET A 16 -7.02 -6.30 -14.00
C MET A 16 -6.56 -4.92 -13.51
N LEU A 17 -5.84 -4.87 -12.38
CA LEU A 17 -5.30 -3.60 -11.88
C LEU A 17 -4.44 -2.95 -12.95
N SER A 18 -3.59 -3.73 -13.60
CA SER A 18 -2.69 -3.18 -14.59
C SER A 18 -3.49 -2.60 -15.74
N GLY A 19 -4.57 -3.30 -16.13
CA GLY A 19 -5.38 -2.91 -17.28
C GLY A 19 -6.20 -1.66 -17.00
N ILE A 20 -6.57 -1.47 -15.73
CA ILE A 20 -7.22 -0.24 -15.31
C ILE A 20 -6.28 0.96 -15.52
N ILE A 21 -5.02 0.82 -15.10
CA ILE A 21 -4.05 1.90 -15.21
C ILE A 21 -3.76 2.19 -16.70
N ARG A 22 -3.63 1.17 -17.54
CA ARG A 22 -3.45 1.39 -18.97
C ARG A 22 -4.55 2.29 -19.55
N ARG A 23 -5.79 2.10 -19.12
CA ARG A 23 -6.91 2.81 -19.75
C ARG A 23 -7.12 4.20 -19.16
N GLN A 24 -6.77 4.41 -17.88
CA GLN A 24 -6.97 5.69 -17.20
C GLN A 24 -8.42 6.16 -17.34
N PRO A 25 -9.40 5.42 -16.77
CA PRO A 25 -10.82 5.70 -17.01
C PRO A 25 -11.32 6.96 -16.30
N VAL A 26 -12.35 7.58 -16.87
CA VAL A 26 -13.10 8.61 -16.19
C VAL A 26 -13.79 8.01 -14.95
N SER A 27 -14.39 6.82 -15.08
CA SER A 27 -15.22 6.25 -14.03
C SER A 27 -14.75 4.85 -13.71
N LEU A 28 -14.74 4.51 -12.44
CA LEU A 28 -14.39 3.16 -12.02
C LEU A 28 -15.44 2.67 -11.03
N ASP A 29 -15.98 1.46 -11.28
CA ASP A 29 -16.95 0.82 -10.39
C ASP A 29 -16.36 -0.49 -9.89
N LEU A 30 -16.10 -0.58 -8.58
CA LEU A 30 -15.66 -1.82 -7.95
C LEU A 30 -16.65 -2.22 -6.87
N SER A 31 -17.93 -1.90 -7.08
CA SER A 31 -18.96 -2.22 -6.09
C SER A 31 -19.07 -3.73 -5.90
N TRP A 32 -19.32 -4.13 -4.65
CA TRP A 32 -19.50 -5.53 -4.30
C TRP A 32 -18.34 -6.40 -4.76
N THR A 33 -17.11 -5.89 -4.62
CA THR A 33 -15.92 -6.70 -4.81
C THR A 33 -15.18 -6.81 -3.50
N ASN A 34 -14.12 -7.62 -3.49
CA ASN A 34 -13.24 -7.70 -2.34
C ASN A 34 -11.95 -6.91 -2.58
N ILE A 35 -12.05 -5.78 -3.29
CA ILE A 35 -10.91 -4.90 -3.47
C ILE A 35 -10.34 -4.58 -2.09
N SER A 36 -9.02 -4.72 -1.91
CA SER A 36 -8.37 -4.40 -0.65
C SER A 36 -7.99 -2.92 -0.59
N LYS A 37 -7.64 -2.45 0.61
CA LYS A 37 -7.10 -1.11 0.80
C LYS A 37 -5.82 -0.96 -0.02
N LYS A 38 -4.98 -1.99 0.03
CA LYS A 38 -3.70 -1.99 -0.66
C LYS A 38 -3.92 -1.78 -2.16
N GLN A 39 -4.90 -2.46 -2.74
CA GLN A 39 -5.14 -2.41 -4.17
C GLN A 39 -5.73 -1.06 -4.59
N LEU A 40 -6.67 -0.54 -3.77
CA LEU A 40 -7.31 0.73 -4.08
C LEU A 40 -6.31 1.87 -3.97
N SER A 41 -5.49 1.86 -2.90
CA SER A 41 -4.37 2.78 -2.73
C SER A 41 -3.52 2.80 -3.99
N TRP A 42 -3.14 1.60 -4.41
CA TRP A 42 -2.29 1.45 -5.57
C TRP A 42 -2.91 2.14 -6.77
N LEU A 43 -4.24 2.01 -6.89
CA LEU A 43 -4.97 2.52 -8.03
C LEU A 43 -5.06 4.04 -7.99
N ILE A 44 -5.46 4.62 -6.85
CA ILE A 44 -5.72 6.05 -6.83
C ILE A 44 -4.40 6.81 -7.02
N ASN A 45 -3.28 6.20 -6.65
CA ASN A 45 -1.97 6.82 -6.80
C ASN A 45 -1.54 6.86 -8.26
N ARG A 46 -2.27 6.15 -9.13
CA ARG A 46 -1.90 6.08 -10.53
C ARG A 46 -3.07 6.47 -11.42
N LEU A 47 -4.13 7.07 -10.86
CA LEU A 47 -5.30 7.45 -11.64
C LEU A 47 -5.55 8.93 -11.41
N PRO A 48 -4.64 9.81 -11.86
CA PRO A 48 -4.80 11.24 -11.63
C PRO A 48 -6.05 11.80 -12.33
N GLY A 49 -6.47 11.15 -13.42
CA GLY A 49 -7.65 11.60 -14.15
C GLY A 49 -8.96 10.96 -13.71
N LEU A 50 -8.99 10.21 -12.60
CA LEU A 50 -10.24 9.59 -12.18
C LEU A 50 -11.24 10.63 -11.65
N ARG A 51 -12.50 10.55 -12.09
CA ARG A 51 -13.54 11.47 -11.66
C ARG A 51 -14.69 10.80 -10.90
N ASP A 52 -15.08 9.58 -11.29
CA ASP A 52 -16.23 8.92 -10.69
C ASP A 52 -15.77 7.61 -10.11
N LEU A 53 -16.05 7.40 -8.82
CA LEU A 53 -15.66 6.17 -8.17
C LEU A 53 -16.87 5.57 -7.45
N VAL A 54 -17.16 4.29 -7.74
CA VAL A 54 -18.25 3.58 -7.12
C VAL A 54 -17.71 2.40 -6.31
N LEU A 55 -18.04 2.37 -5.01
CA LEU A 55 -17.50 1.40 -4.04
C LEU A 55 -18.62 0.82 -3.17
N SER A 56 -19.85 0.84 -3.69
CA SER A 56 -21.01 0.36 -2.93
C SER A 56 -20.69 -1.04 -2.40
N GLY A 57 -20.90 -1.25 -1.11
CA GLY A 57 -20.80 -2.57 -0.53
C GLY A 57 -19.36 -3.05 -0.30
N CYS A 58 -18.35 -2.22 -0.56
CA CYS A 58 -16.97 -2.59 -0.28
C CYS A 58 -16.70 -2.44 1.23
N SER A 59 -15.59 -3.01 1.70
CA SER A 59 -15.23 -2.86 3.10
C SER A 59 -14.86 -1.40 3.36
N TRP A 60 -15.20 -0.89 4.54
CA TRP A 60 -14.72 0.43 4.94
C TRP A 60 -13.19 0.46 4.89
N ILE A 61 -12.56 -0.60 5.38
CA ILE A 61 -11.10 -0.68 5.34
C ILE A 61 -10.62 -0.39 3.92
N ALA A 62 -11.23 -1.01 2.90
CA ALA A 62 -10.80 -0.72 1.53
C ALA A 62 -11.05 0.76 1.21
N VAL A 63 -12.24 1.24 1.57
CA VAL A 63 -12.65 2.59 1.26
C VAL A 63 -11.71 3.61 1.91
N SER A 64 -11.19 3.28 3.09
CA SER A 64 -10.35 4.16 3.88
C SER A 64 -9.10 4.57 3.11
N ALA A 65 -8.77 3.84 2.03
CA ALA A 65 -7.70 4.22 1.13
C ALA A 65 -7.85 5.68 0.69
N LEU A 66 -9.10 6.15 0.56
CA LEU A 66 -9.36 7.49 0.06
C LEU A 66 -9.04 8.55 1.10
N CYS A 67 -8.70 8.15 2.34
CA CYS A 67 -8.36 9.09 3.38
C CYS A 67 -6.88 9.46 3.24
N SER A 68 -6.57 10.21 2.18
CA SER A 68 -5.19 10.36 1.73
C SER A 68 -5.11 11.52 0.75
N SER A 69 -4.00 12.26 0.82
CA SER A 69 -3.70 13.32 -0.12
C SER A 69 -3.62 12.76 -1.54
N SER A 70 -3.54 11.44 -1.67
CA SER A 70 -3.52 10.74 -2.95
C SER A 70 -4.91 10.69 -3.61
N CYS A 71 -5.97 10.78 -2.81
CA CYS A 71 -7.30 10.83 -3.40
C CYS A 71 -7.37 11.97 -4.42
N PRO A 72 -7.78 11.72 -5.68
CA PRO A 72 -8.02 12.81 -6.61
C PRO A 72 -9.26 13.61 -6.21
N LEU A 73 -9.41 14.79 -6.80
CA LEU A 73 -10.58 15.62 -6.57
C LEU A 73 -11.78 15.07 -7.33
N LEU A 74 -12.39 14.03 -6.76
CA LEU A 74 -13.49 13.31 -7.40
C LEU A 74 -14.72 14.21 -7.60
N ARG A 75 -15.39 13.93 -8.72
CA ARG A 75 -16.67 14.52 -9.09
C ARG A 75 -17.84 13.70 -8.53
N THR A 76 -17.67 12.37 -8.46
CA THR A 76 -18.71 11.47 -8.00
C THR A 76 -18.13 10.43 -7.05
N LEU A 77 -18.83 10.19 -5.93
CA LEU A 77 -18.43 9.13 -5.03
C LEU A 77 -19.66 8.40 -4.52
N ASP A 78 -19.64 7.07 -4.68
CA ASP A 78 -20.68 6.20 -4.20
C ASP A 78 -20.10 5.21 -3.18
N VAL A 79 -20.61 5.28 -1.94
CA VAL A 79 -20.23 4.38 -0.84
C VAL A 79 -21.46 3.84 -0.13
N GLN A 80 -22.51 3.57 -0.89
CA GLN A 80 -23.72 3.00 -0.32
C GLN A 80 -23.39 1.67 0.34
N TRP A 81 -24.04 1.37 1.48
CA TRP A 81 -24.01 0.03 2.07
C TRP A 81 -22.60 -0.41 2.43
N VAL A 82 -21.71 0.54 2.72
CA VAL A 82 -20.39 0.20 3.21
C VAL A 82 -20.50 -0.01 4.71
N GLU A 83 -20.30 -1.26 5.14
CA GLU A 83 -20.41 -1.64 6.54
C GLU A 83 -19.25 -1.03 7.33
N GLY A 84 -19.59 -0.44 8.49
CA GLY A 84 -18.61 0.21 9.34
C GLY A 84 -18.28 1.65 8.92
N LEU A 85 -18.93 2.15 7.86
CA LEU A 85 -18.79 3.55 7.49
C LEU A 85 -19.86 4.35 8.20
N LYS A 86 -19.48 4.90 9.35
CA LYS A 86 -20.36 5.69 10.19
C LYS A 86 -19.79 7.10 10.31
N ASP A 87 -20.31 7.88 11.25
CA ASP A 87 -19.99 9.29 11.41
C ASP A 87 -18.49 9.51 11.54
N ALA A 88 -17.83 8.69 12.37
CA ALA A 88 -16.41 8.79 12.63
C ALA A 88 -15.61 8.59 11.35
N GLN A 89 -16.04 7.65 10.52
CA GLN A 89 -15.35 7.32 9.28
C GLN A 89 -15.65 8.37 8.22
N MET A 90 -16.84 8.97 8.26
CA MET A 90 -17.18 10.05 7.35
C MET A 90 -16.26 11.25 7.63
N ARG A 91 -15.93 11.45 8.90
CA ARG A 91 -15.04 12.54 9.29
C ARG A 91 -13.65 12.31 8.70
N ASP A 92 -13.10 11.10 8.84
CA ASP A 92 -11.81 10.79 8.24
C ASP A 92 -11.90 11.03 6.75
N LEU A 93 -12.99 10.57 6.15
CA LEU A 93 -13.13 10.60 4.71
C LEU A 93 -13.23 12.03 4.19
N LEU A 94 -13.95 12.91 4.89
CA LEU A 94 -14.28 14.23 4.33
C LEU A 94 -13.25 15.27 4.76
N SER A 95 -12.67 15.11 5.95
CA SER A 95 -11.76 16.12 6.49
C SER A 95 -10.51 16.20 5.61
N PRO A 96 -9.74 17.31 5.67
CA PRO A 96 -8.47 17.41 4.95
C PRO A 96 -7.52 16.25 5.31
N PRO A 97 -6.82 15.65 4.34
CA PRO A 97 -5.95 14.50 4.62
C PRO A 97 -4.78 14.91 5.52
N THR A 98 -4.30 13.96 6.34
CA THR A 98 -3.21 14.21 7.26
C THR A 98 -1.96 13.43 6.88
N ASP A 99 -1.87 13.00 5.61
CA ASP A 99 -0.65 12.40 5.07
C ASP A 99 -0.04 13.33 4.02
N ASN A 100 -0.18 14.64 4.20
CA ASN A 100 0.38 15.62 3.27
C ASN A 100 1.89 15.39 3.15
N ARG A 101 2.40 15.36 1.91
CA ARG A 101 3.84 15.31 1.67
C ARG A 101 4.41 16.71 1.81
N PRO A 102 5.66 16.87 2.29
CA PRO A 102 6.26 18.19 2.51
C PRO A 102 6.22 19.09 1.27
N GLY A 103 6.13 18.47 0.08
CA GLY A 103 5.88 19.17 -1.16
C GLY A 103 4.42 19.09 -1.58
N GLN A 104 3.52 19.53 -0.70
CA GLN A 104 2.10 19.69 -0.97
C GLN A 104 1.54 20.77 -0.04
N MET A 105 0.67 21.63 -0.58
CA MET A 105 0.10 22.72 0.19
C MET A 105 -1.44 22.66 0.13
N ASP A 106 -2.01 21.51 -0.24
CA ASP A 106 -3.46 21.35 -0.23
C ASP A 106 -3.92 20.85 1.13
N ASN A 107 -4.67 21.70 1.86
CA ASN A 107 -5.12 21.45 3.21
C ASN A 107 -6.65 21.51 3.29
N ARG A 108 -7.33 21.24 2.18
CA ARG A 108 -8.77 21.14 2.21
C ARG A 108 -9.17 19.76 1.73
N SER A 109 -10.45 19.43 1.90
CA SER A 109 -11.00 18.13 1.59
C SER A 109 -10.70 17.78 0.14
N LYS A 110 -10.29 16.53 -0.10
CA LYS A 110 -10.10 16.05 -1.45
C LYS A 110 -11.45 15.69 -2.09
N LEU A 111 -12.56 15.89 -1.37
CA LEU A 111 -13.89 15.63 -1.90
C LEU A 111 -14.68 16.94 -2.10
N ARG A 112 -13.97 18.07 -2.17
CA ARG A 112 -14.62 19.37 -2.20
C ARG A 112 -15.21 19.66 -3.57
N ASN A 113 -14.80 18.87 -4.58
CA ASN A 113 -15.31 19.08 -5.92
C ASN A 113 -16.44 18.08 -6.21
N ILE A 114 -16.91 17.37 -5.18
CA ILE A 114 -17.96 16.38 -5.34
C ILE A 114 -19.25 17.05 -5.81
N VAL A 115 -19.80 16.51 -6.88
CA VAL A 115 -21.06 16.96 -7.44
C VAL A 115 -22.16 15.92 -7.14
N GLU A 116 -21.80 14.63 -7.11
CA GLU A 116 -22.76 13.58 -6.80
C GLU A 116 -22.22 12.69 -5.69
N LEU A 117 -23.02 12.50 -4.63
CA LEU A 117 -22.62 11.70 -3.49
C LEU A 117 -23.75 10.74 -3.11
N ARG A 118 -23.42 9.45 -3.03
CA ARG A 118 -24.39 8.40 -2.75
C ARG A 118 -24.04 7.68 -1.46
N LEU A 119 -24.93 7.81 -0.46
CA LEU A 119 -24.72 7.39 0.92
C LEU A 119 -25.82 6.43 1.39
N ALA A 120 -26.62 5.88 0.47
CA ALA A 120 -27.78 5.09 0.86
C ALA A 120 -27.37 3.89 1.71
N GLY A 121 -28.13 3.64 2.78
CA GLY A 121 -27.91 2.51 3.66
C GLY A 121 -26.94 2.80 4.81
N LEU A 122 -26.16 3.89 4.73
CA LEU A 122 -25.12 4.13 5.73
C LEU A 122 -25.73 4.55 7.06
N ASP A 123 -25.07 4.10 8.14
CA ASP A 123 -25.49 4.41 9.50
C ASP A 123 -24.86 5.74 9.95
N ILE A 124 -25.40 6.85 9.45
CA ILE A 124 -24.83 8.17 9.65
C ILE A 124 -25.92 9.10 10.13
N THR A 125 -25.51 10.22 10.74
CA THR A 125 -26.41 11.17 11.38
C THR A 125 -26.10 12.59 10.90
N ASP A 126 -26.77 13.56 11.53
CA ASP A 126 -26.63 14.97 11.18
C ASP A 126 -25.16 15.39 11.26
N ALA A 127 -24.39 14.81 12.18
CA ALA A 127 -22.96 15.06 12.27
C ALA A 127 -22.32 14.97 10.89
N SER A 128 -22.61 13.87 10.16
CA SER A 128 -22.01 13.63 8.88
C SER A 128 -22.51 14.65 7.85
N LEU A 129 -23.77 15.06 7.99
CA LEU A 129 -24.37 16.05 7.10
C LEU A 129 -23.74 17.44 7.30
N ARG A 130 -23.43 17.79 8.55
CA ARG A 130 -22.75 19.04 8.80
C ARG A 130 -21.42 19.04 8.04
N LEU A 131 -20.67 17.91 8.08
CA LEU A 131 -19.40 17.82 7.38
C LEU A 131 -19.58 18.06 5.89
N ILE A 132 -20.59 17.40 5.31
CA ILE A 132 -20.91 17.54 3.90
C ILE A 132 -21.15 19.01 3.58
N ILE A 133 -21.99 19.66 4.38
CA ILE A 133 -22.34 21.06 4.19
C ILE A 133 -21.09 21.94 4.26
N ARG A 134 -20.19 21.63 5.21
CA ARG A 134 -18.97 22.39 5.38
C ARG A 134 -18.05 22.24 4.16
N HIS A 135 -17.89 20.99 3.66
CA HIS A 135 -16.79 20.66 2.79
C HIS A 135 -17.18 20.57 1.30
N MET A 136 -18.47 20.49 0.96
CA MET A 136 -18.83 20.18 -0.41
C MET A 136 -19.69 21.26 -1.05
N PRO A 137 -19.07 22.38 -1.47
CA PRO A 137 -19.79 23.49 -2.09
C PRO A 137 -20.43 23.25 -3.46
N LEU A 138 -20.11 22.15 -4.12
CA LEU A 138 -20.66 21.94 -5.46
C LEU A 138 -21.69 20.80 -5.44
N LEU A 139 -22.05 20.29 -4.26
CA LEU A 139 -22.91 19.13 -4.15
C LEU A 139 -24.25 19.41 -4.81
N SER A 140 -24.57 18.59 -5.82
CA SER A 140 -25.77 18.77 -6.64
C SER A 140 -26.76 17.61 -6.45
N LYS A 141 -26.25 16.39 -6.37
CA LYS A 141 -27.07 15.18 -6.32
C LYS A 141 -26.68 14.36 -5.10
N LEU A 142 -27.66 14.16 -4.20
CA LEU A 142 -27.39 13.51 -2.93
C LEU A 142 -28.41 12.40 -2.69
N HIS A 143 -27.90 11.22 -2.33
CA HIS A 143 -28.70 10.01 -2.12
C HIS A 143 -28.59 9.57 -0.68
N LEU A 144 -29.70 9.66 0.04
CA LEU A 144 -29.75 9.35 1.46
C LEU A 144 -30.79 8.27 1.74
N SER A 145 -31.25 7.59 0.68
CA SER A 145 -32.26 6.56 0.80
C SER A 145 -31.85 5.50 1.83
N TYR A 146 -32.86 5.00 2.56
CA TYR A 146 -32.71 3.87 3.46
C TYR A 146 -31.83 4.28 4.65
N CYS A 147 -31.57 5.57 4.84
CA CYS A 147 -30.81 6.06 5.98
C CYS A 147 -31.77 6.39 7.12
N ASN A 148 -31.60 5.73 8.26
CA ASN A 148 -32.60 5.70 9.31
C ASN A 148 -32.51 6.91 10.25
N HIS A 149 -31.38 7.62 10.24
CA HIS A 149 -31.20 8.75 11.11
C HIS A 149 -31.46 10.05 10.34
N VAL A 150 -31.94 9.94 9.09
CA VAL A 150 -32.29 11.11 8.31
C VAL A 150 -33.68 11.58 8.73
N THR A 151 -33.75 12.82 9.24
CA THR A 151 -34.98 13.39 9.77
C THR A 151 -35.33 14.67 9.01
N ASP A 152 -36.47 15.26 9.35
CA ASP A 152 -36.86 16.57 8.84
C ASP A 152 -35.80 17.60 9.21
N GLN A 153 -35.27 17.50 10.44
CA GLN A 153 -34.21 18.38 10.91
C GLN A 153 -33.00 18.29 9.98
N SER A 154 -32.68 17.09 9.49
CA SER A 154 -31.58 16.91 8.56
C SER A 154 -31.77 17.81 7.35
N ILE A 155 -33.00 17.83 6.81
CA ILE A 155 -33.31 18.61 5.64
C ILE A 155 -33.21 20.10 6.01
N ASN A 156 -33.60 20.44 7.23
CA ASN A 156 -33.49 21.80 7.71
C ASN A 156 -32.04 22.28 7.57
N LEU A 157 -31.07 21.43 7.95
CA LEU A 157 -29.67 21.81 7.99
C LEU A 157 -29.14 22.02 6.57
N LEU A 158 -29.52 21.09 5.68
CA LEU A 158 -29.04 21.09 4.30
C LEU A 158 -29.60 22.27 3.50
N THR A 159 -30.75 22.80 3.93
CA THR A 159 -31.42 23.85 3.19
C THR A 159 -31.33 25.18 3.94
N ALA A 160 -30.53 25.22 5.01
CA ALA A 160 -30.56 26.36 5.90
C ALA A 160 -30.00 27.59 5.18
N VAL A 161 -30.54 28.75 5.53
CA VAL A 161 -29.94 30.02 5.16
C VAL A 161 -28.47 29.96 5.56
N GLY A 162 -27.59 30.42 4.67
CA GLY A 162 -26.16 30.42 4.93
C GLY A 162 -25.41 29.32 4.19
N THR A 163 -26.09 28.21 3.85
CA THR A 163 -25.41 27.01 3.37
C THR A 163 -25.17 27.10 1.87
N THR A 164 -24.18 26.33 1.37
CA THR A 164 -23.99 26.24 -0.06
C THR A 164 -24.98 25.22 -0.64
N THR A 165 -25.41 24.27 0.19
CA THR A 165 -26.27 23.18 -0.27
C THR A 165 -27.65 23.71 -0.65
N ARG A 166 -28.09 24.74 0.07
CA ARG A 166 -29.37 25.38 -0.21
C ARG A 166 -29.49 25.66 -1.70
N ASP A 167 -28.42 26.17 -2.32
CA ASP A 167 -28.47 26.63 -3.71
C ASP A 167 -27.80 25.65 -4.66
N SER A 168 -26.91 24.79 -4.16
CA SER A 168 -26.21 23.85 -5.01
C SER A 168 -27.05 22.59 -5.27
N LEU A 169 -27.90 22.19 -4.31
CA LEU A 169 -28.64 20.94 -4.46
C LEU A 169 -29.67 21.06 -5.59
N THR A 170 -29.66 20.05 -6.48
CA THR A 170 -30.68 19.93 -7.51
C THR A 170 -31.51 18.64 -7.37
N GLU A 171 -30.90 17.55 -6.91
CA GLU A 171 -31.56 16.25 -6.87
C GLU A 171 -31.28 15.60 -5.52
N ILE A 172 -32.35 15.16 -4.87
CA ILE A 172 -32.16 14.50 -3.59
C ILE A 172 -33.11 13.31 -3.49
N ASN A 173 -32.58 12.26 -2.90
CA ASN A 173 -33.21 10.95 -2.89
C ASN A 173 -33.32 10.54 -1.43
N LEU A 174 -34.56 10.45 -0.90
CA LEU A 174 -34.80 10.13 0.50
C LEU A 174 -35.71 8.91 0.61
N SER A 175 -35.62 7.99 -0.35
CA SER A 175 -36.55 6.89 -0.43
C SER A 175 -36.51 6.04 0.84
N ASP A 176 -37.69 5.76 1.40
CA ASP A 176 -37.86 4.88 2.55
C ASP A 176 -37.07 5.38 3.75
N CYS A 177 -36.94 6.71 3.89
CA CYS A 177 -36.53 7.29 5.16
C CYS A 177 -37.76 7.47 6.04
N ASN A 178 -37.73 6.84 7.22
CA ASN A 178 -38.87 6.71 8.10
C ASN A 178 -39.17 8.01 8.85
N LYS A 179 -38.11 8.74 9.19
CA LYS A 179 -38.22 9.86 10.10
C LYS A 179 -38.44 11.15 9.32
N VAL A 180 -38.58 11.02 8.00
CA VAL A 180 -38.93 12.15 7.16
C VAL A 180 -40.45 12.23 7.02
N THR A 181 -40.99 13.46 7.15
CA THR A 181 -42.42 13.75 7.05
C THR A 181 -42.67 14.88 6.05
N ASP A 182 -43.97 15.18 5.85
CA ASP A 182 -44.44 16.19 4.92
C ASP A 182 -43.80 17.56 5.17
N GLN A 183 -43.31 17.85 6.38
CA GLN A 183 -42.76 19.17 6.66
C GLN A 183 -41.37 19.35 6.03
N CYS A 184 -40.75 18.27 5.56
CA CYS A 184 -39.48 18.42 4.85
C CYS A 184 -39.70 19.15 3.52
N LEU A 185 -40.94 19.11 3.01
CA LEU A 185 -41.28 19.76 1.76
C LEU A 185 -41.20 21.28 1.91
N SER A 186 -41.56 21.80 3.08
CA SER A 186 -41.52 23.24 3.30
C SER A 186 -40.06 23.72 3.29
N PHE A 187 -39.13 22.87 3.77
CA PHE A 187 -37.71 23.19 3.71
C PHE A 187 -37.20 23.16 2.28
N PHE A 188 -37.76 22.28 1.45
CA PHE A 188 -37.31 22.19 0.06
C PHE A 188 -37.76 23.42 -0.75
N LYS A 189 -38.73 24.19 -0.22
CA LYS A 189 -39.13 25.42 -0.87
C LYS A 189 -37.98 26.43 -0.86
N ARG A 190 -37.04 26.28 0.09
CA ARG A 190 -35.89 27.16 0.22
C ARG A 190 -34.88 26.98 -0.92
N CYS A 191 -35.00 25.90 -1.70
CA CYS A 191 -33.95 25.52 -2.65
C CYS A 191 -34.19 26.12 -4.03
N GLY A 192 -33.34 27.07 -4.41
CA GLY A 192 -33.41 27.75 -5.69
C GLY A 192 -33.37 26.82 -6.91
N ASN A 193 -32.61 25.71 -6.84
CA ASN A 193 -32.36 24.95 -8.06
C ASN A 193 -32.84 23.49 -7.94
N ILE A 194 -33.64 23.17 -6.92
CA ILE A 194 -34.08 21.79 -6.74
C ILE A 194 -35.00 21.42 -7.90
N CYS A 195 -34.77 20.23 -8.48
CA CYS A 195 -35.57 19.79 -9.60
C CYS A 195 -36.00 18.32 -9.45
N HIS A 196 -35.64 17.69 -8.32
CA HIS A 196 -35.88 16.26 -8.17
C HIS A 196 -35.84 15.86 -6.69
N ILE A 197 -37.00 15.38 -6.22
CA ILE A 197 -37.17 15.01 -4.81
C ILE A 197 -37.87 13.66 -4.77
N ASP A 198 -37.15 12.64 -4.30
CA ASP A 198 -37.65 11.27 -4.29
C ASP A 198 -38.00 10.89 -2.85
N LEU A 199 -39.30 10.85 -2.56
CA LEU A 199 -39.80 10.47 -1.24
C LEU A 199 -40.57 9.16 -1.30
N ARG A 200 -40.35 8.37 -2.36
CA ARG A 200 -41.05 7.10 -2.53
C ARG A 200 -40.77 6.19 -1.32
N TYR A 201 -41.84 5.60 -0.80
CA TYR A 201 -41.82 4.60 0.26
C TYR A 201 -41.50 5.24 1.60
N CYS A 202 -41.49 6.58 1.66
CA CYS A 202 -41.49 7.28 2.94
C CYS A 202 -42.88 7.15 3.52
N LYS A 203 -43.00 6.38 4.60
CA LYS A 203 -44.31 6.01 5.14
C LYS A 203 -45.04 7.23 5.69
N GLN A 204 -44.29 8.18 6.27
CA GLN A 204 -44.87 9.37 6.91
C GLN A 204 -45.10 10.51 5.92
N VAL A 205 -44.74 10.30 4.65
CA VAL A 205 -44.99 11.31 3.63
C VAL A 205 -46.23 10.90 2.87
N THR A 206 -47.08 11.89 2.56
CA THR A 206 -48.36 11.66 1.91
C THR A 206 -48.33 12.22 0.49
N LYS A 207 -49.02 11.54 -0.43
CA LYS A 207 -49.28 12.09 -1.76
C LYS A 207 -49.98 13.45 -1.60
N GLU A 208 -50.73 13.59 -0.51
CA GLU A 208 -51.45 14.81 -0.20
C GLU A 208 -50.45 15.96 -0.12
N GLY A 209 -49.47 15.85 0.79
CA GLY A 209 -48.48 16.91 1.00
C GLY A 209 -47.67 17.22 -0.27
N CYS A 210 -47.42 16.19 -1.08
CA CYS A 210 -46.72 16.37 -2.33
C CYS A 210 -47.55 17.20 -3.30
N GLU A 211 -48.80 16.76 -3.55
CA GLU A 211 -49.70 17.49 -4.45
C GLU A 211 -49.75 18.96 -4.04
N GLN A 212 -49.69 19.23 -2.73
CA GLN A 212 -49.73 20.59 -2.22
C GLN A 212 -48.49 21.34 -2.68
N PHE A 213 -47.30 20.80 -2.36
CA PHE A 213 -46.03 21.41 -2.69
C PHE A 213 -46.01 21.88 -4.13
N ILE A 214 -46.54 21.06 -5.04
CA ILE A 214 -46.65 21.39 -6.46
C ILE A 214 -47.41 22.70 -6.65
N ALA A 215 -48.54 22.87 -5.95
CA ALA A 215 -49.41 24.02 -6.14
C ALA A 215 -48.80 25.28 -5.52
N GLU A 216 -48.13 25.12 -4.37
CA GLU A 216 -47.47 26.22 -3.69
C GLU A 216 -46.27 26.73 -4.50
N MET A 217 -45.57 25.81 -5.17
CA MET A 217 -44.39 26.14 -5.95
C MET A 217 -44.78 26.48 -7.40
N SER A 218 -45.97 26.02 -7.82
CA SER A 218 -46.46 26.19 -9.18
C SER A 218 -46.19 27.61 -9.70
N VAL A 219 -46.32 28.60 -8.82
CA VAL A 219 -46.14 30.01 -9.16
C VAL A 219 -44.84 30.21 -9.93
N SER A 220 -43.74 29.67 -9.40
CA SER A 220 -42.40 29.96 -9.90
C SER A 220 -41.88 28.81 -10.75
N VAL A 221 -41.89 27.59 -10.18
CA VAL A 221 -41.43 26.42 -10.87
C VAL A 221 -42.56 25.41 -10.96
N GLN A 222 -42.66 24.74 -12.11
CA GLN A 222 -43.70 23.75 -12.36
C GLN A 222 -43.14 22.36 -12.04
N PHE A 223 -43.63 21.78 -10.94
CA PHE A 223 -43.33 20.42 -10.53
C PHE A 223 -44.52 19.50 -10.80
N GLY A 224 -44.24 18.20 -10.96
CA GLY A 224 -45.27 17.18 -11.05
C GLY A 224 -44.85 15.87 -10.38
N GLN A 225 -45.83 14.96 -10.24
CA GLN A 225 -45.62 13.61 -9.73
C GLN A 225 -45.68 12.62 -10.88
N VAL A 226 -44.54 12.45 -11.58
CA VAL A 226 -44.43 11.44 -12.62
C VAL A 226 -44.99 10.13 -12.04
N GLU A 227 -44.58 9.83 -10.80
CA GLU A 227 -45.27 8.82 -10.00
C GLU A 227 -45.27 9.26 -8.54
N GLU A 228 -45.98 8.49 -7.70
CA GLU A 228 -46.42 8.94 -6.39
C GLU A 228 -45.21 9.17 -5.48
N LYS A 229 -45.17 10.35 -4.84
CA LYS A 229 -44.13 10.80 -3.94
C LYS A 229 -42.79 11.05 -4.64
N LEU A 230 -42.77 11.05 -5.99
CA LEU A 230 -41.56 11.40 -6.73
C LEU A 230 -41.80 12.70 -7.49
N LEU A 231 -41.27 13.81 -6.93
CA LEU A 231 -41.43 15.15 -7.48
C LEU A 231 -40.30 15.49 -8.45
N GLN A 232 -40.68 15.91 -9.67
CA GLN A 232 -39.79 16.30 -10.75
C GLN A 232 -40.20 17.66 -11.29
N LYS A 233 -39.24 18.40 -11.89
CA LYS A 233 -39.52 19.64 -12.60
C LYS A 233 -39.90 19.32 -14.06
N LEU A 234 -40.62 20.23 -14.72
CA LEU A 234 -41.12 19.97 -16.07
C LEU A 234 -40.51 20.94 -17.09
N TYR B 12 17.84 -7.25 13.79
CA TYR B 12 17.02 -8.34 13.21
C TYR B 12 17.74 -8.90 11.99
N TYR B 13 17.28 -8.57 10.76
CA TYR B 13 17.77 -9.20 9.53
C TYR B 13 19.27 -8.93 9.34
N ARG B 14 19.72 -7.74 9.77
CA ARG B 14 21.12 -7.34 9.73
C ARG B 14 22.03 -8.38 10.38
N TYR B 15 21.51 -9.04 11.42
CA TYR B 15 22.29 -9.93 12.27
C TYR B 15 21.95 -11.38 12.01
N ASP B 16 21.22 -11.66 10.93
CA ASP B 16 21.03 -13.00 10.43
C ASP B 16 22.31 -13.50 9.80
N GLU B 17 22.49 -14.82 9.83
CA GLU B 17 23.55 -15.45 9.07
C GLU B 17 23.42 -15.02 7.61
N GLN B 18 24.58 -14.91 6.95
CA GLN B 18 24.64 -14.42 5.59
C GLN B 18 25.07 -15.55 4.66
N LEU B 19 24.48 -15.57 3.47
CA LEU B 19 24.85 -16.51 2.44
C LEU B 19 25.48 -15.76 1.26
N ASN B 20 26.54 -16.34 0.70
CA ASN B 20 27.18 -15.83 -0.50
C ASN B 20 26.61 -16.58 -1.71
N LEU B 21 26.21 -15.83 -2.73
CA LEU B 21 25.63 -16.35 -3.96
C LEU B 21 26.47 -15.89 -5.14
N CYS B 22 26.37 -16.65 -6.23
CA CYS B 22 26.83 -16.22 -7.54
C CYS B 22 25.68 -16.41 -8.53
N LEU B 23 25.42 -15.37 -9.33
CA LEU B 23 24.29 -15.35 -10.25
C LEU B 23 24.80 -15.27 -11.69
N GLU B 24 24.48 -16.29 -12.50
CA GLU B 24 24.80 -16.31 -13.91
C GLU B 24 23.53 -16.16 -14.75
N ARG B 25 23.61 -15.45 -15.87
CA ARG B 25 22.50 -15.40 -16.82
C ARG B 25 22.45 -16.72 -17.59
N LEU B 26 21.25 -17.11 -18.03
CA LEU B 26 21.06 -18.29 -18.84
C LEU B 26 20.65 -17.87 -20.25
N SER B 27 21.45 -18.28 -21.25
CA SER B 27 21.38 -17.77 -22.62
C SER B 27 19.94 -17.49 -23.05
N SER B 35 21.11 -8.99 -22.15
CA SER B 35 21.71 -8.21 -21.02
C SER B 35 22.13 -9.15 -19.88
N VAL B 36 23.02 -8.63 -19.02
CA VAL B 36 23.76 -9.44 -18.07
C VAL B 36 23.97 -8.64 -16.79
N LEU B 37 24.16 -9.35 -15.67
CA LEU B 37 24.50 -8.74 -14.38
C LEU B 37 26.01 -8.65 -14.24
N GLN B 38 26.48 -7.43 -13.94
CA GLN B 38 27.89 -7.12 -13.83
C GLN B 38 28.39 -7.56 -12.45
N ASN B 39 27.70 -7.10 -11.40
CA ASN B 39 28.03 -7.41 -10.02
C ASN B 39 27.29 -8.69 -9.60
N LYS B 40 27.80 -9.85 -10.05
CA LYS B 40 27.04 -11.09 -9.99
C LYS B 40 27.26 -11.84 -8.67
N TYR B 41 28.14 -11.35 -7.78
CA TYR B 41 28.28 -11.95 -6.46
C TYR B 41 27.39 -11.19 -5.47
N VAL B 42 26.58 -11.93 -4.74
CA VAL B 42 25.53 -11.37 -3.90
C VAL B 42 25.63 -11.97 -2.50
N ARG B 43 25.41 -11.15 -1.49
CA ARG B 43 25.30 -11.65 -0.14
C ARG B 43 23.95 -11.22 0.42
N CYS B 44 23.28 -12.16 1.10
CA CYS B 44 22.08 -11.78 1.83
C CYS B 44 21.77 -12.74 2.97
N SER B 45 20.76 -12.34 3.75
CA SER B 45 20.22 -13.10 4.85
C SER B 45 19.79 -14.49 4.38
N VAL B 46 20.00 -15.47 5.26
CA VAL B 46 19.53 -16.83 5.05
C VAL B 46 18.01 -16.85 4.97
N ARG B 47 17.34 -15.85 5.57
CA ARG B 47 15.89 -15.79 5.56
C ARG B 47 15.35 -15.13 4.29
N ALA B 48 16.20 -14.55 3.46
CA ALA B 48 15.72 -13.92 2.23
C ALA B 48 15.13 -14.99 1.32
N GLU B 49 14.03 -14.65 0.63
CA GLU B 49 13.33 -15.61 -0.22
C GLU B 49 13.66 -15.32 -1.67
N VAL B 50 13.39 -16.30 -2.53
CA VAL B 50 13.61 -16.20 -3.96
C VAL B 50 12.95 -14.92 -4.50
N ARG B 51 11.71 -14.63 -4.07
CA ARG B 51 10.99 -13.48 -4.60
C ARG B 51 11.72 -12.18 -4.27
N HIS B 52 12.30 -12.10 -3.07
CA HIS B 52 13.04 -10.93 -2.63
C HIS B 52 14.28 -10.73 -3.52
N LEU B 53 15.04 -11.80 -3.72
CA LEU B 53 16.24 -11.74 -4.53
C LEU B 53 15.86 -11.38 -5.97
N ARG B 54 14.73 -11.90 -6.45
CA ARG B 54 14.26 -11.63 -7.80
C ARG B 54 13.94 -10.13 -7.95
N ARG B 55 13.38 -9.53 -6.91
CA ARG B 55 12.94 -8.14 -6.99
C ARG B 55 14.16 -7.23 -7.00
N VAL B 56 15.12 -7.44 -6.10
CA VAL B 56 16.32 -6.61 -6.06
C VAL B 56 17.10 -6.79 -7.36
N LEU B 57 17.13 -8.03 -7.86
CA LEU B 57 17.76 -8.29 -9.13
C LEU B 57 17.10 -7.40 -10.19
N CYS B 58 15.76 -7.42 -10.21
CA CYS B 58 15.01 -6.70 -11.23
C CYS B 58 15.23 -5.19 -11.10
N HIS B 59 15.22 -4.68 -9.86
CA HIS B 59 15.50 -3.28 -9.59
C HIS B 59 16.80 -2.88 -10.28
N ARG B 60 17.90 -3.62 -10.04
CA ARG B 60 19.21 -3.25 -10.56
C ARG B 60 19.25 -3.29 -12.08
N LEU B 61 18.68 -4.34 -12.68
CA LEU B 61 18.74 -4.53 -14.11
C LEU B 61 17.61 -3.80 -14.84
N MET B 62 16.75 -3.10 -14.08
CA MET B 62 15.71 -2.25 -14.63
C MET B 62 14.72 -3.10 -15.42
N LEU B 63 14.31 -4.23 -14.83
CA LEU B 63 13.45 -5.20 -15.50
C LEU B 63 12.19 -5.41 -14.66
N ASN B 64 11.09 -5.79 -15.33
CA ASN B 64 9.86 -6.09 -14.61
C ASN B 64 9.97 -7.50 -14.02
N PRO B 65 9.61 -7.72 -12.73
CA PRO B 65 9.82 -9.01 -12.08
C PRO B 65 8.98 -10.17 -12.64
N GLN B 66 8.45 -9.99 -13.85
CA GLN B 66 7.51 -10.92 -14.45
C GLN B 66 8.19 -11.63 -15.62
N HIS B 67 9.34 -11.09 -16.06
CA HIS B 67 10.05 -11.60 -17.21
C HIS B 67 11.39 -12.16 -16.75
N VAL B 68 11.50 -12.39 -15.43
CA VAL B 68 12.75 -12.79 -14.80
C VAL B 68 12.47 -13.97 -13.88
N GLN B 69 13.29 -15.02 -13.99
CA GLN B 69 13.14 -16.18 -13.12
C GLN B 69 14.49 -16.57 -12.55
N LEU B 70 14.45 -17.10 -11.32
CA LEU B 70 15.63 -17.65 -10.67
C LEU B 70 15.58 -19.17 -10.77
N LEU B 71 16.69 -19.77 -11.17
CA LEU B 71 16.78 -21.21 -11.35
C LEU B 71 17.98 -21.76 -10.59
N PHE B 72 17.92 -23.06 -10.30
CA PHE B 72 19.07 -23.85 -9.89
C PHE B 72 19.07 -25.14 -10.69
N ASP B 73 20.25 -25.48 -11.24
CA ASP B 73 20.39 -26.69 -12.04
C ASP B 73 19.34 -26.67 -13.14
N ASN B 74 19.10 -25.47 -13.68
CA ASN B 74 18.21 -25.23 -14.82
C ASN B 74 16.76 -25.59 -14.48
N GLU B 75 16.36 -25.36 -13.23
CA GLU B 75 14.99 -25.59 -12.79
C GLU B 75 14.53 -24.40 -11.96
N VAL B 76 13.32 -23.91 -12.25
CA VAL B 76 12.81 -22.70 -11.61
C VAL B 76 12.59 -22.96 -10.12
N LEU B 77 12.95 -21.97 -9.31
CA LEU B 77 12.85 -22.03 -7.87
C LEU B 77 11.54 -21.39 -7.44
N PRO B 78 10.81 -21.99 -6.47
CA PRO B 78 9.57 -21.38 -6.00
C PRO B 78 9.84 -20.07 -5.26
N ASP B 79 8.95 -19.09 -5.48
CA ASP B 79 8.99 -17.76 -4.92
C ASP B 79 9.35 -17.72 -3.43
N HIS B 80 8.79 -18.62 -2.62
CA HIS B 80 8.85 -18.46 -1.18
C HIS B 80 10.01 -19.23 -0.55
N MET B 81 10.81 -19.90 -1.37
CA MET B 81 11.90 -20.69 -0.83
C MET B 81 12.99 -19.77 -0.33
N THR B 82 13.43 -19.97 0.93
CA THR B 82 14.49 -19.17 1.50
C THR B 82 15.85 -19.60 0.94
N MET B 83 16.82 -18.70 1.06
CA MET B 83 18.17 -18.96 0.60
C MET B 83 18.73 -20.17 1.36
N LYS B 84 18.47 -20.22 2.68
CA LYS B 84 18.84 -21.36 3.49
C LYS B 84 18.25 -22.65 2.93
N GLN B 85 16.98 -22.61 2.50
CA GLN B 85 16.35 -23.81 1.97
C GLN B 85 17.01 -24.25 0.67
N ILE B 86 17.49 -23.30 -0.13
CA ILE B 86 18.19 -23.66 -1.34
C ILE B 86 19.49 -24.34 -0.95
N TRP B 87 20.20 -23.78 0.04
CA TRP B 87 21.50 -24.30 0.44
C TRP B 87 21.34 -25.73 0.96
N LEU B 88 20.39 -25.92 1.87
CA LEU B 88 20.12 -27.21 2.49
C LEU B 88 19.71 -28.23 1.43
N SER B 89 18.83 -27.83 0.51
CA SER B 89 18.22 -28.78 -0.42
C SER B 89 19.17 -29.11 -1.57
N ARG B 90 19.98 -28.17 -2.02
CA ARG B 90 20.67 -28.30 -3.29
C ARG B 90 22.17 -28.01 -3.16
N TRP B 91 22.64 -27.51 -2.01
CA TRP B 91 24.03 -27.10 -1.90
C TRP B 91 24.67 -27.59 -0.59
N PHE B 92 24.15 -28.67 -0.01
CA PHE B 92 24.47 -29.01 1.37
C PHE B 92 25.97 -29.29 1.50
N GLY B 93 26.62 -28.55 2.41
CA GLY B 93 28.01 -28.76 2.75
C GLY B 93 28.97 -28.29 1.66
N LYS B 94 28.46 -27.68 0.58
CA LYS B 94 29.31 -27.40 -0.58
C LYS B 94 29.94 -26.04 -0.38
N PRO B 95 31.12 -25.80 -1.00
CA PRO B 95 31.91 -24.61 -0.68
C PRO B 95 31.21 -23.39 -1.22
N SER B 96 31.34 -22.29 -0.48
CA SER B 96 30.77 -21.02 -0.88
C SER B 96 31.42 -20.58 -2.19
N PRO B 97 30.73 -19.88 -3.13
CA PRO B 97 29.34 -19.48 -3.04
C PRO B 97 28.35 -20.45 -3.68
N LEU B 98 27.08 -20.25 -3.36
CA LEU B 98 26.01 -21.03 -3.93
C LEU B 98 25.66 -20.43 -5.30
N LEU B 99 25.79 -21.23 -6.37
CA LEU B 99 25.54 -20.76 -7.72
C LEU B 99 24.06 -20.90 -8.08
N LEU B 100 23.48 -19.80 -8.58
CA LEU B 100 22.14 -19.76 -9.13
C LEU B 100 22.22 -19.17 -10.53
N GLN B 101 21.09 -19.23 -11.23
CA GLN B 101 20.97 -18.67 -12.56
C GLN B 101 19.69 -17.86 -12.61
N TYR B 102 19.64 -16.92 -13.55
CA TYR B 102 18.46 -16.11 -13.76
C TYR B 102 18.23 -16.07 -15.27
N SER B 103 16.97 -15.93 -15.67
CA SER B 103 16.58 -15.80 -17.07
C SER B 103 15.71 -14.56 -17.25
N VAL B 104 15.50 -14.18 -18.52
CA VAL B 104 14.62 -13.06 -18.85
C VAL B 104 13.57 -13.53 -19.87
N ASN C 13 4.73 -5.95 -9.06
CA ASN C 13 4.21 -4.63 -9.53
C ASN C 13 2.81 -4.44 -8.96
N PRO C 14 1.70 -4.96 -9.55
CA PRO C 14 0.37 -4.75 -8.98
C PRO C 14 0.11 -5.70 -7.80
N PRO C 15 -0.41 -5.22 -6.64
CA PRO C 15 -0.65 -6.10 -5.51
C PRO C 15 -1.85 -7.00 -5.80
N GLY C 16 -2.01 -8.05 -4.99
CA GLY C 16 -3.10 -9.00 -5.20
C GLY C 16 -4.06 -9.04 -4.01
N PRO C 17 -5.25 -9.66 -4.16
CA PRO C 17 -6.33 -9.54 -3.18
C PRO C 17 -5.97 -9.79 -1.71
N GLU C 18 -4.86 -10.49 -1.44
CA GLU C 18 -4.55 -10.87 -0.07
C GLU C 18 -3.08 -10.59 0.25
N ASP C 19 -2.67 -9.32 0.14
CA ASP C 19 -1.30 -8.92 0.45
C ASP C 19 -1.30 -7.87 1.58
N VAL C 30 12.60 -5.35 4.36
CA VAL C 30 13.66 -4.95 5.33
C VAL C 30 14.96 -5.73 5.04
N PHE C 31 15.11 -6.27 3.82
CA PHE C 31 16.27 -7.09 3.48
C PHE C 31 17.32 -6.28 2.75
N GLU C 32 18.58 -6.67 2.97
CA GLU C 32 19.77 -5.98 2.54
C GLU C 32 20.56 -6.94 1.67
N PHE C 33 20.87 -6.53 0.44
CA PHE C 33 21.62 -7.33 -0.51
C PHE C 33 22.90 -6.63 -0.94
N GLU C 34 24.03 -7.34 -0.81
CA GLU C 34 25.31 -6.79 -1.21
C GLU C 34 25.65 -7.36 -2.59
N PHE C 35 25.98 -6.47 -3.53
CA PHE C 35 26.35 -6.84 -4.88
C PHE C 35 27.79 -6.43 -5.19
N SER C 36 28.58 -7.37 -5.69
CA SER C 36 29.99 -7.17 -5.97
C SER C 36 30.33 -7.77 -7.33
N GLU C 37 31.31 -7.16 -8.01
CA GLU C 37 31.87 -7.73 -9.23
C GLU C 37 32.84 -8.85 -8.87
N THR C 38 33.36 -8.77 -7.64
CA THR C 38 34.40 -9.65 -7.17
C THR C 38 33.78 -10.69 -6.25
N PRO C 39 34.34 -11.92 -6.10
CA PRO C 39 33.88 -12.83 -5.05
C PRO C 39 33.97 -12.18 -3.67
N LEU C 40 32.97 -12.49 -2.86
CA LEU C 40 32.80 -11.84 -1.58
C LEU C 40 33.61 -12.59 -0.53
N LEU C 41 34.15 -11.86 0.44
CA LEU C 41 34.84 -12.49 1.55
C LEU C 41 33.84 -13.28 2.39
N PRO C 42 34.27 -14.35 3.09
CA PRO C 42 33.36 -15.07 3.99
C PRO C 42 33.00 -14.20 5.19
N CYS C 43 31.83 -14.52 5.74
CA CYS C 43 31.16 -13.76 6.76
C CYS C 43 30.82 -14.72 7.92
N TYR C 44 31.20 -14.37 9.14
CA TYR C 44 31.06 -15.28 10.27
C TYR C 44 30.10 -14.69 11.29
N ASN C 45 29.18 -15.53 11.77
CA ASN C 45 28.18 -15.11 12.74
C ASN C 45 28.66 -15.48 14.13
N ILE C 46 29.11 -14.48 14.90
CA ILE C 46 29.76 -14.67 16.18
C ILE C 46 29.11 -13.74 17.20
N GLN C 47 28.83 -14.27 18.40
CA GLN C 47 28.52 -13.48 19.56
C GLN C 47 29.81 -13.26 20.35
N VAL C 48 30.31 -12.03 20.38
CA VAL C 48 31.48 -11.68 21.15
C VAL C 48 31.11 -11.41 22.60
N SER C 49 30.01 -10.68 22.85
CA SER C 49 29.56 -10.41 24.21
C SER C 49 28.08 -10.76 24.34
N VAL C 50 27.65 -11.23 25.51
CA VAL C 50 26.26 -11.60 25.71
C VAL C 50 25.39 -10.35 25.52
N ALA C 51 25.89 -9.18 25.95
CA ALA C 51 25.14 -7.94 25.86
C ALA C 51 24.83 -7.58 24.40
N GLN C 52 25.82 -7.74 23.53
CA GLN C 52 25.68 -7.33 22.14
C GLN C 52 24.92 -8.39 21.33
N GLY C 53 25.04 -9.67 21.72
CA GLY C 53 24.39 -10.74 20.97
C GLY C 53 25.14 -11.06 19.68
N PRO C 54 24.63 -12.00 18.84
CA PRO C 54 25.31 -12.40 17.62
C PRO C 54 25.42 -11.26 16.62
N ARG C 55 26.56 -11.19 15.93
CA ARG C 55 26.79 -10.21 14.90
C ARG C 55 27.53 -10.90 13.77
N ASN C 56 27.55 -10.26 12.60
CA ASN C 56 28.30 -10.72 11.45
C ASN C 56 29.65 -10.03 11.41
N TRP C 57 30.68 -10.78 10.98
CA TRP C 57 32.04 -10.32 10.98
C TRP C 57 32.80 -10.81 9.75
N LEU C 58 33.76 -10.00 9.29
CA LEU C 58 34.80 -10.44 8.37
C LEU C 58 36.09 -10.67 9.15
N LEU C 59 37.00 -11.45 8.57
CA LEU C 59 38.36 -11.53 9.06
C LEU C 59 39.13 -10.29 8.66
N LEU C 60 39.83 -9.67 9.62
CA LEU C 60 40.67 -8.52 9.31
C LEU C 60 41.67 -8.85 8.21
N SER C 61 42.35 -10.00 8.31
CA SER C 61 43.36 -10.32 7.33
C SER C 61 42.78 -10.35 5.91
N ASP C 62 41.55 -10.85 5.76
CA ASP C 62 40.91 -10.88 4.45
C ASP C 62 40.64 -9.45 3.98
N VAL C 63 40.16 -8.60 4.90
CA VAL C 63 39.81 -7.23 4.57
C VAL C 63 41.05 -6.49 4.06
N LEU C 64 42.19 -6.65 4.75
CA LEU C 64 43.41 -5.93 4.39
C LEU C 64 43.94 -6.43 3.06
N LYS C 65 43.87 -7.75 2.84
CA LYS C 65 44.25 -8.33 1.56
C LYS C 65 43.50 -7.62 0.44
N LYS C 66 42.17 -7.55 0.53
CA LYS C 66 41.36 -6.93 -0.51
C LYS C 66 41.63 -5.42 -0.62
N LEU C 67 41.90 -4.74 0.49
CA LEU C 67 42.11 -3.30 0.44
C LEU C 67 43.56 -2.96 0.10
N LYS C 68 44.45 -3.97 0.07
CA LYS C 68 45.85 -3.79 -0.31
C LYS C 68 46.47 -2.71 0.58
N MET C 69 46.40 -2.94 1.89
CA MET C 69 46.68 -1.92 2.86
C MET C 69 47.11 -2.60 4.16
N SER C 70 48.04 -1.98 4.89
CA SER C 70 48.46 -2.50 6.20
C SER C 70 47.38 -2.24 7.25
N SER C 71 47.50 -3.00 8.34
CA SER C 71 46.66 -2.87 9.51
C SER C 71 46.72 -1.45 10.06
N ARG C 72 47.95 -0.92 10.09
CA ARG C 72 48.24 0.39 10.67
C ARG C 72 47.46 1.47 9.92
N ILE C 73 47.55 1.47 8.59
CA ILE C 73 46.88 2.45 7.76
C ILE C 73 45.37 2.32 7.94
N PHE C 74 44.89 1.08 8.05
CA PHE C 74 43.46 0.82 8.06
C PHE C 74 42.84 1.44 9.30
N ARG C 75 43.47 1.20 10.46
CA ARG C 75 42.98 1.71 11.73
C ARG C 75 43.05 3.23 11.76
N CYS C 76 44.11 3.80 11.16
CA CYS C 76 44.32 5.24 11.18
C CYS C 76 43.33 5.97 10.28
N ASN C 77 43.03 5.41 9.11
CA ASN C 77 42.30 6.13 8.09
C ASN C 77 40.82 5.77 8.05
N PHE C 78 40.44 4.68 8.73
CA PHE C 78 39.05 4.23 8.77
C PHE C 78 38.66 3.99 10.23
N PRO C 79 38.69 5.03 11.08
CA PRO C 79 38.60 4.83 12.54
C PRO C 79 37.22 4.41 13.02
N ASN C 80 36.18 4.65 12.21
CA ASN C 80 34.83 4.24 12.56
C ASN C 80 34.61 2.74 12.35
N VAL C 81 35.53 2.03 11.68
CA VAL C 81 35.36 0.59 11.51
C VAL C 81 35.69 -0.11 12.82
N GLU C 82 34.76 -0.96 13.27
CA GLU C 82 34.94 -1.71 14.49
C GLU C 82 35.76 -2.97 14.20
N ILE C 83 37.00 -3.01 14.75
CA ILE C 83 37.88 -4.17 14.77
C ILE C 83 37.90 -4.79 16.18
N VAL C 84 37.54 -6.07 16.27
CA VAL C 84 37.36 -6.75 17.53
C VAL C 84 38.23 -8.01 17.51
N THR C 85 39.06 -8.16 18.54
CA THR C 85 39.98 -9.27 18.68
C THR C 85 39.51 -10.21 19.79
N ILE C 86 39.40 -11.50 19.45
CA ILE C 86 38.98 -12.55 20.37
C ILE C 86 39.98 -13.72 20.28
N ALA C 87 39.83 -14.71 21.15
CA ALA C 87 40.59 -15.94 21.01
C ALA C 87 40.17 -16.67 19.74
N GLU C 88 41.16 -17.12 18.97
CA GLU C 88 40.90 -17.95 17.81
C GLU C 88 40.12 -19.20 18.21
N ALA C 89 40.43 -19.77 19.37
CA ALA C 89 39.74 -20.96 19.83
C ALA C 89 38.23 -20.69 19.93
N GLU C 90 37.88 -19.49 20.41
CA GLU C 90 36.49 -19.16 20.64
C GLU C 90 35.81 -18.97 19.28
N PHE C 91 36.54 -18.34 18.35
CA PHE C 91 36.09 -18.22 16.98
C PHE C 91 35.77 -19.59 16.39
N TYR C 92 36.71 -20.53 16.52
CA TYR C 92 36.50 -21.87 15.98
C TYR C 92 35.25 -22.50 16.57
N ARG C 93 35.14 -22.46 17.91
CA ARG C 93 34.04 -23.10 18.59
C ARG C 93 32.71 -22.57 18.04
N GLN C 94 32.61 -21.26 17.81
CA GLN C 94 31.33 -20.68 17.41
C GLN C 94 31.04 -20.90 15.92
N VAL C 95 32.06 -20.78 15.07
CA VAL C 95 31.88 -20.98 13.65
C VAL C 95 31.49 -22.44 13.38
N SER C 96 32.18 -23.39 14.01
CA SER C 96 31.87 -24.81 13.80
C SER C 96 30.47 -25.17 14.30
N ALA C 97 29.87 -24.36 15.17
CA ALA C 97 28.50 -24.60 15.60
C ALA C 97 27.51 -24.30 14.47
N SER C 98 27.93 -23.55 13.45
CA SER C 98 27.04 -23.23 12.35
C SER C 98 26.91 -24.40 11.36
N LEU C 99 25.67 -24.65 10.93
CA LEU C 99 25.40 -25.66 9.92
C LEU C 99 26.00 -25.25 8.59
N LEU C 100 26.14 -23.93 8.37
CA LEU C 100 26.62 -23.44 7.09
C LEU C 100 28.09 -23.75 6.92
N PHE C 101 28.80 -23.93 8.05
CA PHE C 101 30.21 -24.29 8.04
C PHE C 101 30.43 -25.71 8.54
N SER C 102 29.51 -26.63 8.25
CA SER C 102 29.54 -27.97 8.81
C SER C 102 30.59 -28.85 8.14
N CYS C 103 30.73 -28.72 6.81
CA CYS C 103 31.67 -29.53 6.06
C CYS C 103 32.69 -28.61 5.40
N SER C 104 33.00 -27.50 6.08
CA SER C 104 33.74 -26.42 5.49
C SER C 104 35.23 -26.71 5.58
N LYS C 105 35.91 -26.58 4.42
CA LYS C 105 37.36 -26.68 4.37
C LYS C 105 37.93 -25.30 4.71
N ASP C 106 37.03 -24.39 5.09
CA ASP C 106 37.36 -23.05 5.53
C ASP C 106 37.84 -23.10 6.99
N LEU C 107 37.03 -23.73 7.84
CA LEU C 107 37.42 -24.02 9.22
C LEU C 107 38.83 -24.62 9.28
N GLU C 108 39.08 -25.61 8.42
CA GLU C 108 40.37 -26.28 8.33
C GLU C 108 41.51 -25.27 8.54
N ALA C 109 41.34 -24.08 7.98
CA ALA C 109 42.35 -23.02 8.02
C ALA C 109 42.62 -22.51 9.44
N PHE C 110 41.77 -22.85 10.42
CA PHE C 110 41.94 -22.43 11.80
C PHE C 110 42.20 -23.64 12.68
N ASN C 111 42.82 -23.39 13.84
CA ASN C 111 43.12 -24.41 14.83
C ASN C 111 42.18 -24.28 16.03
N PRO C 112 41.36 -25.32 16.36
CA PRO C 112 40.46 -25.25 17.52
C PRO C 112 41.13 -25.20 18.89
N GLU C 113 42.41 -25.57 18.95
CA GLU C 113 43.21 -25.54 20.17
C GLU C 113 44.22 -24.40 20.10
N SER C 114 43.95 -23.39 19.27
CA SER C 114 44.85 -22.25 19.09
C SER C 114 45.04 -21.53 20.43
N LYS C 115 46.24 -20.99 20.62
CA LYS C 115 46.56 -20.22 21.81
C LYS C 115 46.61 -18.74 21.43
N GLU C 116 46.06 -18.41 20.25
CA GLU C 116 46.26 -17.12 19.60
C GLU C 116 45.01 -16.26 19.62
N LEU C 117 45.23 -14.96 19.40
CA LEU C 117 44.19 -13.98 19.13
C LEU C 117 43.83 -14.01 17.64
N LEU C 118 42.62 -13.53 17.33
CA LEU C 118 42.10 -13.46 15.97
C LEU C 118 41.28 -12.17 15.82
N ASP C 119 41.50 -11.47 14.71
CA ASP C 119 41.01 -10.11 14.53
C ASP C 119 39.81 -10.14 13.58
N LEU C 120 38.70 -9.59 14.07
CA LEU C 120 37.46 -9.51 13.30
C LEU C 120 37.19 -8.05 12.94
N VAL C 121 36.44 -7.87 11.85
CA VAL C 121 35.92 -6.58 11.47
C VAL C 121 34.41 -6.73 11.40
N GLU C 122 33.68 -5.81 12.04
CA GLU C 122 32.24 -5.90 12.04
C GLU C 122 31.69 -5.72 10.63
N PHE C 123 30.71 -6.53 10.27
CA PHE C 123 30.07 -6.48 8.97
C PHE C 123 28.97 -5.40 8.99
N THR C 124 29.25 -4.27 8.33
CA THR C 124 28.39 -3.08 8.30
C THR C 124 28.29 -2.60 6.85
N ASN C 125 27.35 -1.68 6.58
CA ASN C 125 27.27 -1.04 5.27
C ASN C 125 28.57 -0.30 4.97
N GLU C 126 29.13 0.35 5.98
CA GLU C 126 30.41 1.02 5.82
C GLU C 126 31.45 0.08 5.22
N ILE C 127 31.60 -1.15 5.74
CA ILE C 127 32.72 -1.98 5.29
C ILE C 127 32.39 -2.50 3.89
N GLN C 128 31.12 -2.78 3.64
CA GLN C 128 30.69 -3.23 2.33
C GLN C 128 31.06 -2.19 1.28
N THR C 129 30.78 -0.92 1.59
CA THR C 129 31.11 0.19 0.72
C THR C 129 32.62 0.31 0.56
N LEU C 130 33.36 0.22 1.67
CA LEU C 130 34.81 0.36 1.61
C LEU C 130 35.41 -0.70 0.69
N LEU C 131 34.81 -1.89 0.65
CA LEU C 131 35.30 -3.01 -0.13
C LEU C 131 34.86 -2.90 -1.58
N GLY C 132 34.03 -1.92 -1.92
CA GLY C 132 33.77 -1.62 -3.31
C GLY C 132 32.47 -2.23 -3.80
N SER C 133 31.67 -2.81 -2.89
CA SER C 133 30.36 -3.35 -3.23
C SER C 133 29.32 -2.24 -3.35
N SER C 134 28.18 -2.61 -3.93
CA SER C 134 26.97 -1.79 -3.95
C SER C 134 25.92 -2.48 -3.07
N VAL C 135 25.24 -1.72 -2.22
CA VAL C 135 24.30 -2.31 -1.28
C VAL C 135 22.88 -1.90 -1.65
N GLU C 136 22.05 -2.91 -1.95
CA GLU C 136 20.68 -2.73 -2.41
C GLU C 136 19.74 -3.02 -1.25
N TRP C 137 18.63 -2.26 -1.14
CA TRP C 137 17.64 -2.45 -0.10
C TRP C 137 16.29 -2.82 -0.73
N LEU C 138 15.51 -3.63 -0.01
CA LEU C 138 14.19 -4.04 -0.50
C LEU C 138 13.11 -3.63 0.50
N HIS C 139 12.19 -2.78 0.03
CA HIS C 139 10.98 -2.42 0.77
C HIS C 139 9.80 -3.13 0.12
N PRO C 140 8.71 -3.44 0.88
CA PRO C 140 7.57 -4.16 0.31
C PRO C 140 6.62 -3.25 -0.48
#